data_5BO8
#
_entry.id   5BO8
#
_cell.length_a   88.170
_cell.length_b   94.220
_cell.length_c   126.190
_cell.angle_alpha   90.000
_cell.angle_beta   90.000
_cell.angle_gamma   90.000
#
_symmetry.space_group_name_H-M   'P 21 21 21'
#
loop_
_entity.id
_entity.type
_entity.pdbx_description
1 polymer 'Sia-alpha-2,3-Gal-beta-1,4-GlcNAc-R:alpha 2,8-sialyltransferase'
2 branched 2-acetamido-2-deoxy-beta-D-glucopyranose-(1-4)-2-acetamido-2-deoxy-beta-D-glucopyranose
3 branched alpha-D-mannopyranose-(1-6)-beta-D-mannopyranose-(1-4)-2-acetamido-2-deoxy-beta-D-glucopyranose-(1-4)-2-acetamido-2-deoxy-beta-D-glucopyranose
4 branched beta-D-mannopyranose-(1-4)-2-acetamido-2-deoxy-beta-D-glucopyranose-(1-4)-[alpha-L-fucopyranose-(1-6)]2-acetamido-2-deoxy-beta-D-glucopyranose
5 non-polymer 2-acetamido-2-deoxy-beta-D-glucopyranose
6 non-polymer 'CITRIC ACID'
7 water water
#
_entity_poly.entity_id   1
_entity_poly.type   'polypeptide(L)'
_entity_poly.pdbx_seq_one_letter_code
;APEHHHHHHDYDIPTTENLYFQGSQFALKFLDPSFVPITNSLTQELQEKPSKWKFNRTAFLHQRQEILQHVDVIKNFSLT
KNSVRIGQLMHYDYSSHKYVFSISNNFRSLLPDVSPIMNKHYNICAVVGNSGILTGSQCGQEIDKSDFVFRCNFAPTEAF
QRDVGRKTNLTTFNPSILEKYYNNLLTIQDRNNFFLSLKKLDGAILWIPAFFFHTSATVTRTLVDFFVEHRGQLKVQLAW
PGNIMQHVNRYWKNKHLSPKRLSTGILMYTLASAICEEIHLYGFWPFGFDPNTREDLPYHYYDKKGTKFTTKWQESHQLP
AEFQLLYRMHGEGLTKLTLSHCA
;
_entity_poly.pdbx_strand_id   A,B
#
# COMPACT_ATOMS: atom_id res chain seq x y z
N LYS A 52 -30.21 -24.14 35.14
CA LYS A 52 -29.55 -24.09 33.79
C LYS A 52 -30.25 -23.04 32.90
N TRP A 53 -29.62 -22.73 31.77
CA TRP A 53 -30.08 -21.69 30.85
C TRP A 53 -31.30 -22.13 30.04
N LYS A 54 -32.35 -21.31 30.01
CA LYS A 54 -33.50 -21.56 29.13
C LYS A 54 -33.59 -20.46 28.08
N PHE A 55 -33.79 -20.84 26.82
CA PHE A 55 -33.96 -19.85 25.77
C PHE A 55 -35.32 -19.19 25.92
N ASN A 56 -35.34 -17.86 26.04
CA ASN A 56 -36.58 -17.06 25.96
C ASN A 56 -36.79 -16.54 24.53
N ARG A 57 -37.39 -17.40 23.69
CA ARG A 57 -37.70 -17.05 22.30
C ARG A 57 -38.48 -15.75 22.14
N THR A 58 -39.40 -15.41 23.04
CA THR A 58 -40.22 -14.18 22.80
C THR A 58 -39.41 -12.94 23.09
N ALA A 59 -38.59 -13.00 24.14
CA ALA A 59 -37.65 -11.90 24.40
C ALA A 59 -36.64 -11.70 23.24
N PHE A 60 -36.16 -12.79 22.65
CA PHE A 60 -35.20 -12.71 21.54
C PHE A 60 -35.85 -12.08 20.32
N LEU A 61 -37.02 -12.57 19.93
CA LEU A 61 -37.70 -12.04 18.74
C LEU A 61 -38.04 -10.58 18.92
N HIS A 62 -38.21 -10.18 20.18
CA HIS A 62 -38.44 -8.80 20.48
C HIS A 62 -37.18 -7.96 20.25
N GLN A 63 -36.05 -8.42 20.79
CA GLN A 63 -34.72 -7.83 20.55
C GLN A 63 -34.39 -7.74 19.05
N ARG A 64 -34.62 -8.82 18.29
CA ARG A 64 -34.46 -8.79 16.84
C ARG A 64 -35.25 -7.66 16.21
N GLN A 65 -36.56 -7.60 16.45
CA GLN A 65 -37.40 -6.57 15.85
C GLN A 65 -36.90 -5.19 16.24
N GLU A 66 -36.36 -5.03 17.44
CA GLU A 66 -35.87 -3.73 17.86
C GLU A 66 -34.58 -3.40 17.11
N ILE A 67 -33.67 -4.37 16.97
CA ILE A 67 -32.39 -4.13 16.26
C ILE A 67 -32.68 -3.67 14.83
N LEU A 68 -33.54 -4.40 14.12
CA LEU A 68 -33.79 -4.19 12.71
C LEU A 68 -34.57 -2.92 12.43
N GLN A 69 -35.26 -2.42 13.43
CA GLN A 69 -35.92 -1.12 13.35
C GLN A 69 -34.88 0.00 13.32
N HIS A 70 -33.77 -0.15 14.06
CA HIS A 70 -32.75 0.89 14.19
C HIS A 70 -31.49 0.72 13.30
N VAL A 71 -31.21 -0.51 12.86
CA VAL A 71 -30.07 -0.83 11.99
C VAL A 71 -30.60 -1.63 10.78
N ASP A 72 -30.36 -1.12 9.56
CA ASP A 72 -30.65 -1.88 8.36
C ASP A 72 -29.47 -2.83 8.14
N VAL A 73 -29.51 -3.95 8.87
CA VAL A 73 -28.45 -4.92 8.89
C VAL A 73 -28.15 -5.50 7.50
N ILE A 74 -29.17 -5.89 6.76
CA ILE A 74 -28.90 -6.48 5.44
C ILE A 74 -28.12 -5.50 4.56
N LYS A 75 -28.53 -4.24 4.56
CA LYS A 75 -27.87 -3.21 3.78
C LYS A 75 -26.47 -2.92 4.36
N ASN A 76 -26.39 -2.69 5.65
CA ASN A 76 -25.12 -2.37 6.30
C ASN A 76 -24.05 -3.48 6.17
N PHE A 77 -24.46 -4.72 5.90
CA PHE A 77 -23.56 -5.87 5.89
C PHE A 77 -22.39 -5.68 4.91
N SER A 78 -22.67 -5.07 3.77
CA SER A 78 -21.69 -4.90 2.73
C SER A 78 -22.08 -3.82 1.71
N LEU A 79 -21.10 -3.12 1.19
CA LEU A 79 -21.31 -2.27 0.06
C LEU A 79 -21.54 -3.19 -1.10
N THR A 80 -22.25 -2.67 -2.08
CA THR A 80 -22.55 -3.36 -3.31
C THR A 80 -22.06 -2.50 -4.44
N LYS A 81 -21.92 -3.11 -5.63
CA LYS A 81 -21.37 -2.42 -6.82
C LYS A 81 -22.07 -1.11 -7.11
N ASN A 82 -23.38 -1.13 -7.05
CA ASN A 82 -24.12 0.05 -7.43
C ASN A 82 -24.32 1.03 -6.29
N SER A 83 -23.76 0.76 -5.12
CA SER A 83 -23.91 1.64 -4.00
C SER A 83 -22.67 2.53 -3.84
N VAL A 84 -21.72 2.45 -4.77
CA VAL A 84 -20.52 3.33 -4.73
C VAL A 84 -20.19 3.78 -6.11
N ARG A 85 -19.50 4.92 -6.21
CA ARG A 85 -19.03 5.42 -7.50
C ARG A 85 -17.53 5.35 -7.54
N ILE A 86 -16.99 5.03 -8.70
CA ILE A 86 -15.55 5.17 -8.91
C ILE A 86 -15.16 6.64 -8.62
N GLY A 87 -14.14 6.82 -7.77
CA GLY A 87 -13.70 8.14 -7.35
C GLY A 87 -14.21 8.63 -6.00
N GLN A 88 -15.32 8.06 -5.56
CA GLN A 88 -15.86 8.32 -4.24
C GLN A 88 -14.84 8.18 -3.11
N LEU A 89 -14.88 9.12 -2.15
CA LEU A 89 -13.96 9.10 -1.00
C LEU A 89 -14.62 8.51 0.25
N MET A 90 -14.10 7.39 0.74
CA MET A 90 -14.58 6.79 1.95
C MET A 90 -13.81 7.36 3.12
N HIS A 91 -14.49 7.50 4.26
CA HIS A 91 -13.87 7.92 5.49
C HIS A 91 -13.75 6.72 6.39
N TYR A 92 -12.98 6.84 7.47
CA TYR A 92 -12.76 5.75 8.41
C TYR A 92 -13.58 5.97 9.71
N ASP A 93 -14.42 5.01 10.05
CA ASP A 93 -15.35 5.10 11.23
C ASP A 93 -14.66 5.47 12.54
N TYR A 94 -13.50 4.89 12.80
CA TYR A 94 -12.77 5.15 14.05
C TYR A 94 -11.50 5.96 13.89
N SER A 95 -11.45 6.88 12.95
CA SER A 95 -10.23 7.68 12.77
C SER A 95 -10.66 9.08 12.46
N SER A 96 -9.72 10.02 12.48
CA SER A 96 -10.05 11.40 12.14
C SER A 96 -10.73 11.42 10.77
N HIS A 97 -11.73 12.26 10.64
CA HIS A 97 -12.44 12.40 9.36
C HIS A 97 -11.54 12.86 8.19
N LYS A 98 -10.37 13.43 8.46
CA LYS A 98 -9.48 13.88 7.36
C LYS A 98 -8.91 12.77 6.45
N TYR A 99 -8.81 11.56 6.98
CA TYR A 99 -8.33 10.42 6.25
C TYR A 99 -9.36 9.86 5.26
N VAL A 100 -8.91 9.57 4.05
CA VAL A 100 -9.81 9.15 2.98
C VAL A 100 -9.23 7.97 2.25
N PHE A 101 -10.09 7.31 1.46
CA PHE A 101 -9.71 6.21 0.60
C PHE A 101 -10.52 6.35 -0.65
N SER A 102 -9.85 6.45 -1.80
CA SER A 102 -10.59 6.58 -3.06
C SER A 102 -11.03 5.21 -3.62
N ILE A 103 -12.26 5.08 -4.09
CA ILE A 103 -12.78 3.81 -4.65
C ILE A 103 -12.30 3.64 -6.08
N SER A 104 -11.42 2.68 -6.33
CA SER A 104 -10.93 2.36 -7.68
C SER A 104 -11.89 1.49 -8.41
N ASN A 105 -11.83 1.52 -9.73
CA ASN A 105 -12.35 0.44 -10.63
C ASN A 105 -12.25 -0.95 -9.98
N ASN A 106 -11.09 -1.21 -9.40
CA ASN A 106 -10.77 -2.55 -8.94
C ASN A 106 -11.44 -2.91 -7.68
N PHE A 107 -11.45 -1.99 -6.71
CA PHE A 107 -12.20 -2.19 -5.48
C PHE A 107 -13.66 -2.50 -5.80
N ARG A 108 -14.26 -1.69 -6.65
CA ARG A 108 -15.64 -1.85 -7.00
C ARG A 108 -15.95 -3.17 -7.68
N SER A 109 -15.04 -3.64 -8.52
CA SER A 109 -15.26 -4.91 -9.20
C SER A 109 -15.28 -6.10 -8.20
N LEU A 110 -14.66 -5.94 -7.03
CA LEU A 110 -14.68 -6.91 -5.97
C LEU A 110 -15.93 -6.87 -5.02
N LEU A 111 -16.86 -5.95 -5.22
CA LEU A 111 -18.02 -5.88 -4.35
C LEU A 111 -19.14 -6.77 -4.90
N PRO A 112 -20.04 -7.26 -4.02
CA PRO A 112 -21.19 -8.05 -4.44
C PRO A 112 -22.27 -7.21 -5.06
N ASP A 113 -23.07 -7.83 -5.90
CA ASP A 113 -24.13 -7.15 -6.62
C ASP A 113 -25.32 -6.94 -5.71
N VAL A 114 -25.59 -7.94 -4.85
CA VAL A 114 -26.57 -7.83 -3.76
C VAL A 114 -25.94 -8.32 -2.48
N SER A 115 -26.48 -7.87 -1.36
CA SER A 115 -26.04 -8.27 -0.02
C SER A 115 -25.97 -9.79 0.12
N PRO A 116 -24.82 -10.35 0.49
CA PRO A 116 -24.73 -11.80 0.61
C PRO A 116 -25.68 -12.47 1.59
N ILE A 117 -26.26 -11.73 2.52
CA ILE A 117 -27.21 -12.30 3.50
C ILE A 117 -28.66 -11.91 3.24
N MET A 118 -28.98 -11.41 2.06
CA MET A 118 -30.32 -11.11 1.77
C MET A 118 -31.14 -12.39 1.72
N ASN A 119 -32.24 -12.38 2.51
CA ASN A 119 -33.23 -13.46 2.63
C ASN A 119 -32.69 -14.82 3.11
N LYS A 120 -31.67 -14.78 3.92
CA LYS A 120 -31.04 -15.99 4.48
C LYS A 120 -31.54 -16.12 5.89
N HIS A 121 -31.89 -17.33 6.27
CA HIS A 121 -32.47 -17.59 7.58
C HIS A 121 -32.01 -18.94 8.10
N TYR A 122 -31.33 -18.90 9.22
CA TYR A 122 -30.78 -20.09 9.83
C TYR A 122 -31.42 -20.29 11.22
N ASN A 123 -31.47 -21.53 11.69
CA ASN A 123 -32.04 -21.82 12.99
C ASN A 123 -31.00 -21.53 14.09
N ILE A 124 -29.98 -22.37 14.25
CA ILE A 124 -28.98 -22.17 15.31
C ILE A 124 -27.71 -21.56 14.72
N CYS A 125 -27.29 -20.41 15.25
CA CYS A 125 -26.00 -19.81 14.93
C CYS A 125 -25.04 -19.82 16.08
N ALA A 126 -23.81 -20.23 15.82
CA ALA A 126 -22.71 -20.07 16.75
C ALA A 126 -21.92 -18.86 16.32
N VAL A 127 -21.51 -18.03 17.27
CA VAL A 127 -20.65 -16.90 17.03
C VAL A 127 -19.45 -17.20 17.90
N VAL A 128 -18.28 -17.37 17.31
CA VAL A 128 -17.13 -17.86 18.03
C VAL A 128 -16.04 -16.81 18.09
N GLY A 129 -15.80 -16.29 19.29
CA GLY A 129 -14.67 -15.43 19.57
C GLY A 129 -13.39 -16.23 19.75
N ASN A 130 -12.32 -15.55 20.12
CA ASN A 130 -11.00 -16.16 20.13
C ASN A 130 -10.35 -16.35 21.49
N SER A 131 -11.10 -16.11 22.57
CA SER A 131 -10.56 -16.27 23.91
C SER A 131 -10.01 -17.67 24.19
N GLY A 132 -9.00 -17.72 25.04
CA GLY A 132 -8.35 -18.98 25.46
C GLY A 132 -9.27 -19.91 26.23
N ILE A 133 -10.37 -19.36 26.74
CA ILE A 133 -11.40 -20.17 27.35
C ILE A 133 -11.87 -21.36 26.55
N LEU A 134 -11.65 -21.35 25.24
CA LEU A 134 -11.99 -22.49 24.40
C LEU A 134 -11.01 -23.62 24.50
N THR A 135 -9.77 -23.34 24.95
CA THR A 135 -8.75 -24.41 24.99
C THR A 135 -9.16 -25.47 25.99
N GLY A 136 -9.14 -26.72 25.54
CA GLY A 136 -9.64 -27.86 26.30
C GLY A 136 -11.14 -28.00 26.50
N SER A 137 -11.94 -27.15 25.84
CA SER A 137 -13.39 -27.11 26.08
C SER A 137 -14.19 -28.15 25.32
N GLN A 138 -13.59 -28.77 24.30
CA GLN A 138 -14.29 -29.74 23.45
C GLN A 138 -15.62 -29.24 22.88
N CYS A 139 -15.71 -27.94 22.61
CA CYS A 139 -16.92 -27.37 22.06
C CYS A 139 -17.08 -27.63 20.58
N GLY A 140 -16.02 -28.12 19.94
CA GLY A 140 -16.03 -28.47 18.54
C GLY A 140 -17.30 -29.09 17.99
N GLN A 141 -17.75 -30.20 18.57
CA GLN A 141 -18.95 -30.87 18.06
C GLN A 141 -20.20 -30.00 18.23
N GLU A 142 -20.32 -29.29 19.35
CA GLU A 142 -21.53 -28.50 19.59
C GLU A 142 -21.60 -27.31 18.61
N ILE A 143 -20.42 -26.72 18.35
CA ILE A 143 -20.27 -25.62 17.41
C ILE A 143 -20.59 -26.07 16.00
N ASP A 144 -19.99 -27.16 15.55
CA ASP A 144 -20.27 -27.68 14.23
C ASP A 144 -21.71 -28.15 13.99
N LYS A 145 -22.44 -28.53 15.04
CA LYS A 145 -23.87 -28.85 14.91
C LYS A 145 -24.68 -27.66 14.46
N SER A 146 -24.24 -26.43 14.75
CA SER A 146 -24.94 -25.22 14.34
C SER A 146 -25.18 -25.17 12.84
N ASP A 147 -26.20 -24.41 12.47
CA ASP A 147 -26.55 -24.25 11.08
C ASP A 147 -25.60 -23.27 10.40
N PHE A 148 -25.05 -22.33 11.15
CA PHE A 148 -24.23 -21.25 10.58
C PHE A 148 -23.26 -20.79 11.66
N VAL A 149 -21.97 -20.72 11.35
CA VAL A 149 -20.92 -20.41 12.32
C VAL A 149 -20.15 -19.14 11.88
N PHE A 150 -20.11 -18.13 12.74
CA PHE A 150 -19.35 -16.90 12.51
C PHE A 150 -18.05 -17.05 13.23
N ARG A 151 -16.95 -16.59 12.66
CA ARG A 151 -15.64 -16.60 13.33
C ARG A 151 -14.95 -15.24 13.19
N CYS A 152 -13.95 -14.95 14.01
CA CYS A 152 -13.38 -13.62 14.12
C CYS A 152 -11.93 -13.65 13.68
N ASN A 153 -11.59 -12.69 12.83
CA ASN A 153 -10.21 -12.41 12.45
C ASN A 153 -9.38 -13.55 11.92
N PHE A 154 -9.97 -14.24 10.97
CA PHE A 154 -9.25 -15.27 10.23
C PHE A 154 -8.66 -16.32 11.15
N ALA A 155 -9.40 -16.61 12.21
CA ALA A 155 -8.84 -17.46 13.27
C ALA A 155 -8.66 -18.87 12.73
N PRO A 156 -7.54 -19.51 13.06
CA PRO A 156 -7.31 -20.88 12.63
C PRO A 156 -8.20 -21.95 13.33
N THR A 157 -8.55 -22.97 12.56
CA THR A 157 -9.32 -24.09 13.07
C THR A 157 -8.66 -25.47 12.89
N GLU A 158 -7.87 -25.68 11.82
CA GLU A 158 -7.23 -26.97 11.52
C GLU A 158 -6.67 -27.71 12.77
N ALA A 159 -5.81 -27.03 13.53
CA ALA A 159 -5.17 -27.63 14.71
C ALA A 159 -6.02 -27.60 15.98
N PHE A 160 -7.19 -26.97 15.94
CA PHE A 160 -7.98 -26.72 17.13
C PHE A 160 -9.42 -27.25 17.02
N GLN A 161 -9.67 -28.10 16.02
CA GLN A 161 -11.00 -28.63 15.72
C GLN A 161 -11.75 -29.15 16.93
N ARG A 162 -11.11 -29.92 17.82
CA ARG A 162 -11.84 -30.53 18.93
C ARG A 162 -12.45 -29.46 19.84
N ASP A 163 -11.73 -28.35 20.02
CA ASP A 163 -12.17 -27.26 20.88
C ASP A 163 -13.02 -26.20 20.17
N VAL A 164 -12.64 -25.80 18.94
CA VAL A 164 -13.41 -24.72 18.23
C VAL A 164 -14.26 -25.17 17.05
N GLY A 165 -14.06 -26.37 16.53
CA GLY A 165 -14.82 -26.85 15.37
C GLY A 165 -14.04 -26.53 14.10
N ARG A 166 -14.53 -27.07 12.97
CA ARG A 166 -13.97 -26.81 11.64
C ARG A 166 -14.94 -26.03 10.73
N LYS A 167 -16.22 -26.00 11.03
CA LYS A 167 -17.22 -25.42 10.14
C LYS A 167 -17.12 -23.92 10.14
N THR A 168 -17.01 -23.30 8.98
CA THR A 168 -17.00 -21.82 8.87
C THR A 168 -17.86 -21.30 7.74
N ASN A 169 -18.76 -20.38 8.07
CA ASN A 169 -19.71 -19.78 7.11
C ASN A 169 -19.51 -18.30 6.88
N LEU A 170 -18.91 -17.62 7.86
CA LEU A 170 -18.49 -16.26 7.74
C LEU A 170 -17.34 -16.09 8.64
N THR A 171 -16.32 -15.36 8.19
CA THR A 171 -15.20 -15.02 9.05
C THR A 171 -14.83 -13.59 8.77
N THR A 172 -14.48 -12.86 9.80
CA THR A 172 -14.09 -11.47 9.63
C THR A 172 -12.62 -11.42 9.31
N PHE A 173 -12.20 -10.33 8.69
CA PHE A 173 -10.80 -10.17 8.30
C PHE A 173 -10.36 -8.70 8.35
N ASN A 174 -9.76 -8.28 9.46
CA ASN A 174 -9.05 -7.00 9.51
C ASN A 174 -7.87 -7.06 8.55
N PRO A 175 -7.76 -6.10 7.61
CA PRO A 175 -6.62 -6.19 6.66
C PRO A 175 -5.18 -6.11 7.25
N SER A 176 -5.01 -5.58 8.47
CA SER A 176 -3.75 -5.63 9.22
C SER A 176 -3.15 -7.05 9.31
N ILE A 177 -3.99 -8.07 9.27
CA ILE A 177 -3.59 -9.48 9.23
C ILE A 177 -2.60 -9.80 8.11
N LEU A 178 -2.69 -9.13 6.95
CA LEU A 178 -1.69 -9.33 5.90
C LEU A 178 -0.33 -8.92 6.41
N GLU A 179 -0.26 -7.78 7.09
CA GLU A 179 1.05 -7.28 7.55
C GLU A 179 1.56 -8.22 8.66
N LYS A 180 0.72 -8.56 9.63
CA LYS A 180 1.17 -9.34 10.79
C LYS A 180 1.55 -10.79 10.45
N TYR A 181 0.74 -11.51 9.67
CA TYR A 181 0.92 -12.95 9.43
C TYR A 181 1.35 -13.37 8.00
N TYR A 182 1.17 -12.49 7.00
CA TYR A 182 1.49 -12.81 5.57
C TYR A 182 2.53 -11.88 4.94
N ASN A 183 3.24 -11.10 5.75
CA ASN A 183 4.32 -10.29 5.24
C ASN A 183 3.92 -9.44 4.03
N ASN A 184 2.76 -8.81 4.13
CA ASN A 184 2.25 -7.95 3.08
C ASN A 184 2.18 -8.54 1.68
N LEU A 185 2.08 -9.86 1.59
CA LEU A 185 2.12 -10.60 0.31
C LEU A 185 3.33 -10.21 -0.57
N LEU A 186 4.47 -9.93 0.09
CA LEU A 186 5.69 -9.49 -0.60
C LEU A 186 6.47 -10.64 -1.27
N THR A 187 6.17 -11.91 -0.97
CA THR A 187 6.94 -13.02 -1.52
C THR A 187 6.05 -14.06 -2.08
N ILE A 188 6.61 -14.93 -2.91
CA ILE A 188 5.84 -15.99 -3.53
C ILE A 188 5.29 -16.89 -2.42
N GLN A 189 6.12 -17.14 -1.39
CA GLN A 189 5.75 -18.02 -0.28
C GLN A 189 4.51 -17.50 0.48
N ASP A 190 4.52 -16.20 0.80
CA ASP A 190 3.39 -15.54 1.44
C ASP A 190 2.15 -15.49 0.55
N ARG A 191 2.31 -15.23 -0.73
CA ARG A 191 1.16 -15.20 -1.61
C ARG A 191 0.51 -16.57 -1.70
N ASN A 192 1.31 -17.63 -1.76
CA ASN A 192 0.81 -18.99 -1.79
C ASN A 192 0.15 -19.42 -0.49
N ASN A 193 0.74 -19.05 0.64
CA ASN A 193 0.11 -19.31 1.95
C ASN A 193 -1.26 -18.67 2.11
N PHE A 194 -1.36 -17.39 1.72
CA PHE A 194 -2.62 -16.65 1.72
C PHE A 194 -3.61 -17.29 0.79
N PHE A 195 -3.17 -17.63 -0.41
CA PHE A 195 -4.05 -18.33 -1.35
C PHE A 195 -4.60 -19.62 -0.77
N LEU A 196 -3.76 -20.35 -0.05
CA LEU A 196 -4.13 -21.64 0.50
C LEU A 196 -5.13 -21.46 1.66
N SER A 197 -4.89 -20.52 2.57
CA SER A 197 -5.89 -20.16 3.59
C SER A 197 -7.26 -19.84 2.99
N LEU A 198 -7.30 -19.05 1.93
CA LEU A 198 -8.57 -18.65 1.36
C LEU A 198 -9.28 -19.82 0.67
N LYS A 199 -8.50 -20.73 0.08
CA LYS A 199 -9.06 -21.89 -0.57
C LYS A 199 -9.78 -22.80 0.45
N LYS A 200 -9.24 -22.90 1.66
CA LYS A 200 -9.84 -23.72 2.70
C LYS A 200 -11.18 -23.21 3.21
N LEU A 201 -11.47 -21.91 3.04
CA LEU A 201 -12.79 -21.35 3.35
C LEU A 201 -13.87 -21.68 2.34
N ASP A 202 -13.53 -22.36 1.25
CA ASP A 202 -14.54 -22.72 0.25
C ASP A 202 -15.48 -21.54 -0.03
N GLY A 203 -16.79 -21.66 0.29
CA GLY A 203 -17.81 -20.65 -0.08
C GLY A 203 -18.25 -19.77 1.08
N ALA A 204 -17.47 -19.72 2.15
CA ALA A 204 -17.72 -18.81 3.24
C ALA A 204 -17.62 -17.36 2.80
N ILE A 205 -18.38 -16.51 3.47
CA ILE A 205 -18.26 -15.10 3.35
C ILE A 205 -17.01 -14.69 4.09
N LEU A 206 -16.23 -13.79 3.49
CA LEU A 206 -15.09 -13.17 4.12
C LEU A 206 -15.46 -11.68 4.31
N TRP A 207 -15.66 -11.28 5.55
CA TRP A 207 -16.17 -9.94 5.88
C TRP A 207 -15.00 -9.05 6.23
N ILE A 208 -14.71 -8.09 5.39
CA ILE A 208 -13.46 -7.32 5.51
C ILE A 208 -13.80 -5.89 5.85
N PRO A 209 -13.60 -5.47 7.10
CA PRO A 209 -13.90 -4.09 7.38
C PRO A 209 -12.68 -3.26 7.07
N ALA A 210 -12.69 -2.70 5.87
CA ALA A 210 -11.59 -1.89 5.39
C ALA A 210 -11.64 -0.46 5.90
N PHE A 211 -12.82 0.02 6.31
CA PHE A 211 -13.00 1.42 6.63
C PHE A 211 -13.28 1.70 8.10
N PHE A 212 -12.62 0.96 8.96
CA PHE A 212 -12.67 1.21 10.38
C PHE A 212 -11.48 2.06 10.80
N PHE A 213 -10.27 1.66 10.42
CA PHE A 213 -9.04 2.34 10.82
C PHE A 213 -8.28 2.82 9.61
N HIS A 214 -7.80 4.06 9.65
CA HIS A 214 -6.98 4.61 8.57
C HIS A 214 -5.71 3.79 8.34
N THR A 215 -5.20 3.07 9.34
CA THR A 215 -3.99 2.25 9.17
C THR A 215 -4.19 1.00 8.31
N SER A 216 -5.44 0.71 7.93
CA SER A 216 -5.77 -0.33 6.96
C SER A 216 -5.52 0.07 5.53
N ALA A 217 -5.23 1.35 5.28
CA ALA A 217 -5.32 1.87 3.93
C ALA A 217 -4.36 1.16 2.99
N THR A 218 -3.08 1.09 3.32
CA THR A 218 -2.13 0.59 2.34
C THR A 218 -2.34 -0.90 2.09
N VAL A 219 -2.54 -1.63 3.16
CA VAL A 219 -2.80 -3.06 3.09
C VAL A 219 -4.17 -3.42 2.36
N THR A 220 -5.16 -2.53 2.40
CA THR A 220 -6.36 -2.67 1.55
C THR A 220 -5.97 -2.72 0.07
N ARG A 221 -5.03 -1.86 -0.34
CA ARG A 221 -4.60 -1.81 -1.72
C ARG A 221 -3.89 -3.08 -2.13
N THR A 222 -3.13 -3.68 -1.22
CA THR A 222 -2.52 -4.98 -1.47
C THR A 222 -3.56 -6.10 -1.58
N LEU A 223 -4.51 -6.17 -0.65
CA LEU A 223 -5.61 -7.15 -0.77
C LEU A 223 -6.34 -7.04 -2.06
N VAL A 224 -6.76 -5.81 -2.38
CA VAL A 224 -7.57 -5.56 -3.56
C VAL A 224 -6.81 -6.09 -4.75
N ASP A 225 -5.55 -5.72 -4.86
CA ASP A 225 -4.72 -6.19 -5.98
C ASP A 225 -4.58 -7.70 -6.01
N PHE A 226 -4.38 -8.32 -4.85
CA PHE A 226 -4.32 -9.76 -4.78
C PHE A 226 -5.62 -10.38 -5.25
N PHE A 227 -6.77 -9.87 -4.81
CA PHE A 227 -8.04 -10.47 -5.22
C PHE A 227 -8.37 -10.28 -6.70
N VAL A 228 -7.97 -9.17 -7.29
CA VAL A 228 -8.19 -8.96 -8.74
C VAL A 228 -7.38 -9.92 -9.60
N GLU A 229 -6.12 -10.04 -9.24
CA GLU A 229 -5.24 -11.01 -9.89
C GLU A 229 -5.74 -12.44 -9.83
N HIS A 230 -6.28 -12.85 -8.69
CA HIS A 230 -6.79 -14.20 -8.55
C HIS A 230 -8.29 -14.33 -8.77
N ARG A 231 -8.90 -13.37 -9.48
CA ARG A 231 -10.33 -13.42 -9.75
C ARG A 231 -10.73 -14.72 -10.42
N GLY A 232 -11.82 -15.32 -9.96
CA GLY A 232 -12.34 -16.55 -10.60
C GLY A 232 -11.77 -17.85 -10.05
N GLN A 233 -10.64 -17.77 -9.36
CA GLN A 233 -9.95 -18.92 -8.80
C GLN A 233 -10.33 -19.29 -7.36
N LEU A 234 -11.26 -18.58 -6.73
CA LEU A 234 -11.62 -18.86 -5.36
C LEU A 234 -13.13 -18.78 -5.27
N LYS A 235 -13.73 -19.65 -4.46
CA LYS A 235 -15.16 -19.62 -4.31
C LYS A 235 -15.59 -18.71 -3.14
N VAL A 236 -14.61 -18.16 -2.40
CA VAL A 236 -14.90 -17.32 -1.22
C VAL A 236 -15.68 -16.07 -1.60
N GLN A 237 -16.65 -15.69 -0.78
CA GLN A 237 -17.58 -14.62 -1.12
C GLN A 237 -17.19 -13.41 -0.32
N LEU A 238 -16.72 -12.37 -0.98
CA LEU A 238 -16.20 -11.23 -0.28
C LEU A 238 -17.33 -10.31 0.11
N ALA A 239 -17.22 -9.70 1.29
CA ALA A 239 -18.17 -8.68 1.74
C ALA A 239 -17.39 -7.55 2.38
N TRP A 240 -17.75 -6.32 2.10
CA TRP A 240 -16.96 -5.16 2.50
C TRP A 240 -17.89 -4.12 3.11
N PRO A 241 -18.02 -4.15 4.43
CA PRO A 241 -18.87 -3.15 5.04
C PRO A 241 -18.28 -1.76 4.88
N GLY A 242 -19.14 -0.77 4.63
CA GLY A 242 -18.72 0.60 4.61
C GLY A 242 -18.71 1.24 6.01
N ASN A 243 -19.17 2.49 6.06
CA ASN A 243 -19.19 3.29 7.28
C ASN A 243 -20.43 2.98 8.08
N ILE A 244 -20.35 1.94 8.91
CA ILE A 244 -21.55 1.45 9.58
C ILE A 244 -21.60 1.57 11.08
N MET A 245 -20.48 1.88 11.73
CA MET A 245 -20.44 1.85 13.18
C MET A 245 -21.16 2.97 13.87
N GLN A 246 -21.34 4.12 13.25
CA GLN A 246 -22.26 5.15 13.78
C GLN A 246 -23.66 4.56 14.03
N HIS A 247 -24.22 3.86 13.07
CA HIS A 247 -25.59 3.36 13.13
C HIS A 247 -25.73 2.19 14.08
N VAL A 248 -24.75 1.29 14.05
CA VAL A 248 -24.68 0.17 14.97
C VAL A 248 -24.48 0.66 16.40
N ASN A 249 -23.55 1.57 16.63
CA ASN A 249 -23.19 1.98 18.00
C ASN A 249 -24.28 2.77 18.68
N ARG A 250 -25.13 3.42 17.90
CA ARG A 250 -26.28 4.14 18.43
C ARG A 250 -27.38 3.26 19.02
N TYR A 251 -27.77 2.18 18.35
CA TYR A 251 -28.67 1.20 18.99
C TYR A 251 -28.11 0.68 20.35
N TRP A 252 -26.84 0.32 20.38
CA TRP A 252 -26.24 -0.21 21.60
C TRP A 252 -25.87 0.83 22.64
N LYS A 253 -25.91 2.12 22.29
CA LYS A 253 -25.64 3.20 23.25
C LYS A 253 -26.69 3.17 24.35
N ASN A 254 -27.95 3.07 23.93
CA ASN A 254 -29.11 2.99 24.86
C ASN A 254 -29.15 1.73 25.75
N LYS A 255 -28.30 0.74 25.47
CA LYS A 255 -28.10 -0.45 26.32
C LYS A 255 -26.81 -0.34 27.14
N HIS A 256 -26.43 0.89 27.50
CA HIS A 256 -25.36 1.16 28.47
C HIS A 256 -23.91 0.82 28.03
N LEU A 257 -23.65 0.43 26.78
CA LEU A 257 -22.26 0.13 26.32
C LEU A 257 -21.73 1.29 25.47
N SER A 258 -20.67 1.93 25.96
CA SER A 258 -20.23 3.24 25.44
C SER A 258 -19.18 3.30 24.30
N PRO A 259 -18.13 2.47 24.39
CA PRO A 259 -16.75 2.77 23.96
C PRO A 259 -16.50 3.50 22.59
N LYS A 260 -15.37 4.24 22.53
CA LYS A 260 -14.77 4.78 21.28
C LYS A 260 -14.34 3.72 20.23
N ARG A 261 -14.32 2.43 20.62
CA ARG A 261 -14.29 1.30 19.68
C ARG A 261 -15.26 0.20 20.20
N LEU A 262 -16.32 -0.08 19.43
CA LEU A 262 -17.14 -1.29 19.64
C LEU A 262 -16.36 -2.51 19.18
N SER A 263 -16.70 -3.63 19.80
CA SER A 263 -16.00 -4.86 19.63
C SER A 263 -16.61 -5.68 18.47
N THR A 264 -15.74 -6.42 17.78
CA THR A 264 -16.15 -7.35 16.70
C THR A 264 -17.27 -8.33 17.18
N GLY A 265 -17.25 -8.77 18.44
CA GLY A 265 -18.25 -9.67 18.98
C GLY A 265 -19.65 -9.12 19.06
N ILE A 266 -19.79 -7.89 19.51
CA ILE A 266 -21.10 -7.22 19.50
C ILE A 266 -21.59 -6.93 18.09
N LEU A 267 -20.67 -6.62 17.23
CA LEU A 267 -20.99 -6.41 15.85
C LEU A 267 -21.49 -7.72 15.26
N MET A 268 -20.82 -8.82 15.59
CA MET A 268 -21.18 -10.14 15.11
C MET A 268 -22.54 -10.56 15.63
N TYR A 269 -22.83 -10.28 16.88
CA TYR A 269 -24.15 -10.57 17.44
C TYR A 269 -25.22 -9.78 16.70
N THR A 270 -24.90 -8.55 16.32
CA THR A 270 -25.86 -7.70 15.62
C THR A 270 -26.19 -8.27 14.26
N LEU A 271 -25.19 -8.71 13.51
CA LEU A 271 -25.42 -9.30 12.17
C LEU A 271 -26.18 -10.60 12.31
N ALA A 272 -25.69 -11.47 13.17
CA ALA A 272 -26.33 -12.74 13.51
C ALA A 272 -27.79 -12.57 13.86
N SER A 273 -28.11 -11.56 14.66
CA SER A 273 -29.52 -11.32 15.03
C SER A 273 -30.44 -11.19 13.81
N ALA A 274 -29.94 -10.64 12.70
CA ALA A 274 -30.73 -10.50 11.45
C ALA A 274 -31.01 -11.77 10.68
N ILE A 275 -30.22 -12.80 10.93
CA ILE A 275 -30.41 -14.04 10.20
C ILE A 275 -30.52 -15.33 10.99
N CYS A 276 -30.47 -15.28 12.32
CA CYS A 276 -30.50 -16.50 13.14
C CYS A 276 -31.70 -16.49 14.04
N GLU A 277 -32.30 -17.64 14.21
CA GLU A 277 -33.44 -17.85 15.09
C GLU A 277 -33.02 -17.94 16.57
N GLU A 278 -31.77 -18.36 16.80
CA GLU A 278 -31.22 -18.53 18.14
C GLU A 278 -29.68 -18.50 18.08
N ILE A 279 -29.05 -17.61 18.86
CA ILE A 279 -27.60 -17.41 18.82
C ILE A 279 -26.95 -17.96 20.07
N HIS A 280 -25.94 -18.82 19.90
CA HIS A 280 -25.05 -19.25 20.98
C HIS A 280 -23.64 -18.68 20.79
N LEU A 281 -23.10 -18.02 21.81
CA LEU A 281 -21.76 -17.46 21.85
C LEU A 281 -20.75 -18.42 22.47
N TYR A 282 -19.59 -18.55 21.86
CA TYR A 282 -18.48 -19.31 22.38
C TYR A 282 -17.23 -18.41 22.30
N GLY A 283 -16.23 -18.68 23.11
CA GLY A 283 -14.99 -17.87 23.12
C GLY A 283 -15.05 -16.39 23.44
N PHE A 284 -16.04 -15.96 24.21
CA PHE A 284 -16.06 -14.60 24.71
C PHE A 284 -15.80 -14.68 26.20
N TRP A 285 -14.66 -14.16 26.63
CA TRP A 285 -14.18 -14.19 27.99
C TRP A 285 -12.88 -13.39 28.05
N PRO A 286 -12.95 -12.11 28.47
CA PRO A 286 -11.79 -11.22 28.35
C PRO A 286 -10.60 -11.46 29.29
N PHE A 287 -10.82 -12.14 30.42
CA PHE A 287 -9.81 -12.24 31.48
C PHE A 287 -8.90 -13.45 31.30
N GLY A 288 -7.70 -13.36 31.85
CA GLY A 288 -6.65 -14.40 31.70
C GLY A 288 -6.65 -15.55 32.71
N PHE A 289 -7.78 -15.76 33.41
CA PHE A 289 -7.95 -16.94 34.25
C PHE A 289 -9.28 -17.63 33.93
N ASP A 290 -9.34 -18.93 34.18
CA ASP A 290 -10.54 -19.73 33.94
C ASP A 290 -11.62 -19.38 34.98
N PRO A 291 -12.88 -19.27 34.57
CA PRO A 291 -13.89 -19.02 35.62
C PRO A 291 -14.27 -20.19 36.55
N ASN A 292 -13.88 -21.43 36.23
CA ASN A 292 -14.20 -22.59 37.08
C ASN A 292 -13.02 -23.12 37.89
N THR A 293 -11.85 -23.20 37.26
CA THR A 293 -10.62 -23.66 37.89
C THR A 293 -9.81 -22.50 38.49
N ARG A 294 -9.94 -21.31 37.91
CA ARG A 294 -9.08 -20.14 38.20
C ARG A 294 -7.61 -20.31 37.81
N GLU A 295 -7.27 -21.38 37.07
CA GLU A 295 -5.91 -21.53 36.52
C GLU A 295 -5.75 -20.60 35.30
N ASP A 296 -4.51 -20.27 34.96
CA ASP A 296 -4.24 -19.26 33.92
C ASP A 296 -4.72 -19.70 32.54
N LEU A 297 -5.02 -18.71 31.69
CA LEU A 297 -5.51 -18.92 30.32
C LEU A 297 -4.64 -18.17 29.36
N PRO A 298 -4.38 -18.75 28.18
CA PRO A 298 -3.81 -17.91 27.12
C PRO A 298 -4.86 -16.89 26.68
N TYR A 299 -4.43 -15.67 26.32
CA TYR A 299 -5.37 -14.60 25.95
C TYR A 299 -6.27 -15.08 24.80
N HIS A 300 -5.64 -15.75 23.84
CA HIS A 300 -6.28 -16.32 22.63
C HIS A 300 -6.13 -17.84 22.58
N TYR A 301 -7.10 -18.56 22.05
CA TYR A 301 -6.98 -20.03 22.03
C TYR A 301 -5.85 -20.63 21.18
N TYR A 302 -5.19 -19.82 20.33
CA TYR A 302 -4.24 -20.35 19.32
C TYR A 302 -2.77 -19.91 19.56
N ASP A 303 -2.51 -19.30 20.72
CA ASP A 303 -1.21 -18.71 21.04
C ASP A 303 -0.11 -19.76 21.25
N LEU A 319 -12.56 -6.73 25.51
CA LEU A 319 -12.94 -5.62 26.40
C LEU A 319 -13.95 -6.09 27.47
N PRO A 320 -13.71 -5.74 28.77
CA PRO A 320 -14.68 -6.05 29.87
C PRO A 320 -16.07 -5.42 29.82
N ALA A 321 -16.24 -4.30 29.12
CA ALA A 321 -17.55 -3.66 29.01
C ALA A 321 -18.49 -4.53 28.18
N GLU A 322 -18.00 -4.94 27.01
CA GLU A 322 -18.74 -5.81 26.08
C GLU A 322 -19.27 -7.10 26.75
N PHE A 323 -18.35 -7.82 27.42
CA PHE A 323 -18.68 -9.08 28.09
C PHE A 323 -19.75 -8.96 29.17
N GLN A 324 -19.66 -7.92 29.99
CA GLN A 324 -20.73 -7.63 30.96
C GLN A 324 -22.10 -7.65 30.27
N LEU A 325 -22.16 -7.00 29.10
CA LEU A 325 -23.40 -6.90 28.33
C LEU A 325 -23.91 -8.25 27.81
N LEU A 326 -23.00 -9.06 27.29
CA LEU A 326 -23.36 -10.38 26.80
C LEU A 326 -23.80 -11.29 27.93
N TYR A 327 -23.19 -11.13 29.11
CA TYR A 327 -23.59 -11.90 30.29
C TYR A 327 -24.99 -11.50 30.79
N ARG A 328 -25.32 -10.21 30.66
CA ARG A 328 -26.65 -9.74 31.01
C ARG A 328 -27.66 -10.41 30.12
N MET A 329 -27.35 -10.43 28.83
CA MET A 329 -28.24 -11.03 27.84
C MET A 329 -28.42 -12.50 28.02
N HIS A 330 -27.35 -13.17 28.47
CA HIS A 330 -27.40 -14.58 28.81
C HIS A 330 -28.38 -14.84 29.94
N GLY A 331 -28.27 -13.98 30.96
CA GLY A 331 -29.19 -13.92 32.09
C GLY A 331 -30.65 -13.82 31.68
N GLU A 332 -30.95 -12.93 30.73
CA GLU A 332 -32.33 -12.71 30.26
C GLU A 332 -32.84 -13.75 29.25
N GLY A 333 -32.09 -14.84 29.02
CA GLY A 333 -32.43 -15.85 27.99
C GLY A 333 -32.46 -15.45 26.51
N LEU A 334 -31.77 -14.36 26.14
CA LEU A 334 -31.69 -13.93 24.76
C LEU A 334 -30.66 -14.74 23.94
N THR A 335 -29.59 -15.12 24.60
CA THR A 335 -28.53 -15.83 23.95
C THR A 335 -27.88 -16.69 24.97
N LYS A 336 -27.19 -17.74 24.54
CA LYS A 336 -26.40 -18.60 25.43
C LYS A 336 -24.90 -18.38 25.32
N LEU A 337 -24.38 -17.56 26.22
CA LEU A 337 -22.95 -17.48 26.50
C LEU A 337 -22.40 -18.73 27.21
N THR A 338 -21.41 -19.39 26.62
CA THR A 338 -20.86 -20.64 27.12
C THR A 338 -19.50 -20.34 27.68
N LEU A 339 -19.28 -20.68 28.94
CA LEU A 339 -18.03 -20.38 29.65
C LEU A 339 -17.41 -21.61 30.27
N SER A 340 -17.73 -22.78 29.78
CA SER A 340 -17.34 -24.00 30.45
C SER A 340 -17.24 -25.07 29.42
N HIS A 341 -16.72 -26.21 29.83
CA HIS A 341 -16.51 -27.33 28.94
C HIS A 341 -17.88 -27.74 28.41
N CYS A 342 -17.88 -28.23 27.19
CA CYS A 342 -19.12 -28.59 26.49
C CYS A 342 -19.41 -30.06 26.84
N ALA A 343 -20.69 -30.38 27.11
CA ALA A 343 -21.20 -31.75 27.47
C ALA A 343 -20.23 -32.94 27.37
N TRP B 53 38.23 24.92 -19.29
CA TRP B 53 37.64 23.60 -19.69
C TRP B 53 37.30 23.69 -21.15
N LYS B 54 37.77 22.75 -21.94
CA LYS B 54 37.36 22.65 -23.34
C LYS B 54 36.66 21.30 -23.58
N PHE B 55 35.54 21.36 -24.29
CA PHE B 55 34.78 20.15 -24.60
C PHE B 55 35.51 19.34 -25.67
N ASN B 56 35.80 18.08 -25.38
CA ASN B 56 36.32 17.13 -26.37
C ASN B 56 35.16 16.29 -26.92
N ARG B 57 34.49 16.84 -27.94
CA ARG B 57 33.39 16.15 -28.64
C ARG B 57 33.71 14.74 -29.13
N THR B 58 34.91 14.47 -29.58
CA THR B 58 35.19 13.15 -30.13
C THR B 58 35.32 12.12 -29.00
N ALA B 59 35.98 12.52 -27.90
CA ALA B 59 36.03 11.67 -26.74
C ALA B 59 34.62 11.35 -26.17
N PHE B 60 33.74 12.35 -26.17
CA PHE B 60 32.37 12.17 -25.68
C PHE B 60 31.57 11.21 -26.55
N LEU B 61 31.60 11.41 -27.85
CA LEU B 61 30.85 10.52 -28.74
C LEU B 61 31.39 9.12 -28.67
N HIS B 62 32.67 8.99 -28.32
CA HIS B 62 33.27 7.69 -28.15
C HIS B 62 32.72 7.00 -26.89
N GLN B 63 32.68 7.74 -25.78
CA GLN B 63 32.02 7.32 -24.52
C GLN B 63 30.55 6.89 -24.71
N ARG B 64 29.79 7.71 -25.44
CA ARG B 64 28.46 7.33 -25.85
C ARG B 64 28.45 5.99 -26.56
N GLN B 65 29.23 5.81 -27.61
CA GLN B 65 29.26 4.49 -28.31
C GLN B 65 29.58 3.32 -27.38
N GLU B 66 30.44 3.55 -26.40
CA GLU B 66 30.82 2.50 -25.47
C GLU B 66 29.65 2.22 -24.54
N ILE B 67 28.98 3.28 -24.04
CA ILE B 67 27.82 3.11 -23.14
C ILE B 67 26.74 2.28 -23.85
N LEU B 68 26.39 2.65 -25.08
CA LEU B 68 25.27 2.05 -25.81
C LEU B 68 25.56 0.62 -26.19
N GLN B 69 26.85 0.25 -26.22
CA GLN B 69 27.29 -1.14 -26.38
C GLN B 69 26.88 -2.02 -25.20
N HIS B 70 26.95 -1.47 -23.99
CA HIS B 70 26.63 -2.22 -22.77
C HIS B 70 25.21 -2.03 -22.26
N VAL B 71 24.58 -0.90 -22.59
CA VAL B 71 23.25 -0.54 -22.11
C VAL B 71 22.38 -0.07 -23.27
N ASP B 72 21.25 -0.73 -23.53
CA ASP B 72 20.28 -0.22 -24.53
C ASP B 72 19.45 0.84 -23.83
N VAL B 73 20.00 2.05 -23.80
CA VAL B 73 19.44 3.13 -23.01
C VAL B 73 17.99 3.48 -23.41
N ILE B 74 17.69 3.57 -24.70
CA ILE B 74 16.34 3.92 -25.09
C ILE B 74 15.34 2.91 -24.55
N LYS B 75 15.68 1.64 -24.65
CA LYS B 75 14.83 0.58 -24.12
C LYS B 75 14.83 0.60 -22.58
N ASN B 76 16.00 0.63 -21.97
CA ASN B 76 16.13 0.61 -20.52
C ASN B 76 15.45 1.78 -19.81
N PHE B 77 15.22 2.88 -20.52
CA PHE B 77 14.67 4.11 -19.94
C PHE B 77 13.32 3.88 -19.26
N SER B 78 12.49 3.03 -19.85
CA SER B 78 11.17 2.75 -19.32
C SER B 78 10.56 1.48 -19.88
N LEU B 79 9.77 0.81 -19.07
CA LEU B 79 8.98 -0.27 -19.56
C LEU B 79 7.93 0.34 -20.44
N THR B 80 7.43 -0.45 -21.37
CA THR B 80 6.37 -0.04 -22.26
C THR B 80 5.25 -1.06 -22.12
N LYS B 81 4.06 -0.69 -22.60
CA LYS B 81 2.86 -1.52 -22.43
C LYS B 81 3.12 -2.92 -22.92
N ASN B 82 3.74 -3.04 -24.09
CA ASN B 82 3.91 -4.34 -24.71
C ASN B 82 5.15 -5.06 -24.24
N SER B 83 5.89 -4.48 -23.32
CA SER B 83 7.04 -5.13 -22.75
C SER B 83 6.76 -5.81 -21.41
N VAL B 84 5.51 -5.85 -20.97
CA VAL B 84 5.11 -6.60 -19.74
C VAL B 84 3.78 -7.29 -19.94
N ARG B 85 3.51 -8.33 -19.15
CA ARG B 85 2.19 -9.00 -19.18
C ARG B 85 1.50 -8.79 -17.87
N ILE B 86 0.18 -8.66 -17.91
CA ILE B 86 -0.60 -8.66 -16.69
C ILE B 86 -0.37 -9.99 -15.95
N GLY B 87 -0.01 -9.90 -14.66
CA GLY B 87 0.34 -11.06 -13.85
C GLY B 87 1.82 -11.34 -13.67
N GLN B 88 2.64 -10.85 -14.59
CA GLN B 88 4.09 -10.92 -14.48
C GLN B 88 4.64 -10.44 -13.12
N LEU B 89 5.62 -11.16 -12.59
CA LEU B 89 6.25 -10.83 -11.34
C LEU B 89 7.58 -10.12 -11.56
N MET B 90 7.69 -8.88 -11.09
CA MET B 90 8.91 -8.13 -11.17
C MET B 90 9.70 -8.39 -9.92
N HIS B 91 11.02 -8.38 -10.07
CA HIS B 91 11.90 -8.48 -8.89
C HIS B 91 12.53 -7.11 -8.65
N TYR B 92 13.16 -6.94 -7.51
CA TYR B 92 13.78 -5.68 -7.17
C TYR B 92 15.32 -5.75 -7.36
N ASP B 93 15.88 -4.81 -8.11
CA ASP B 93 17.33 -4.77 -8.41
C ASP B 93 18.24 -4.81 -7.18
N TYR B 94 17.92 -4.07 -6.14
CA TYR B 94 18.78 -4.01 -4.95
C TYR B 94 18.22 -4.74 -3.73
N SER B 95 17.46 -5.82 -3.92
CA SER B 95 16.85 -6.51 -2.78
C SER B 95 16.90 -7.99 -3.04
N SER B 96 16.64 -8.78 -2.01
CA SER B 96 16.61 -10.23 -2.16
C SER B 96 15.68 -10.61 -3.29
N HIS B 97 16.08 -11.61 -4.04
CA HIS B 97 15.29 -12.10 -5.15
C HIS B 97 13.90 -12.63 -4.73
N LYS B 98 13.70 -12.98 -3.46
CA LYS B 98 12.39 -13.54 -3.00
C LYS B 98 11.19 -12.55 -3.04
N TYR B 99 11.48 -11.24 -2.96
CA TYR B 99 10.48 -10.20 -3.11
C TYR B 99 9.98 -10.00 -4.56
N VAL B 100 8.66 -9.93 -4.72
CA VAL B 100 8.04 -9.79 -6.01
C VAL B 100 6.96 -8.70 -6.01
N PHE B 101 6.56 -8.29 -7.21
CA PHE B 101 5.53 -7.30 -7.42
C PHE B 101 4.77 -7.73 -8.63
N SER B 102 3.49 -7.98 -8.48
CA SER B 102 2.68 -8.40 -9.63
C SER B 102 2.20 -7.21 -10.48
N ILE B 103 2.27 -7.32 -11.81
CA ILE B 103 1.85 -6.23 -12.72
C ILE B 103 0.33 -6.28 -12.91
N SER B 104 -0.39 -5.29 -12.37
CA SER B 104 -1.84 -5.19 -12.54
C SER B 104 -2.18 -4.58 -13.89
N ASN B 105 -3.39 -4.84 -14.38
CA ASN B 105 -4.09 -3.98 -15.38
C ASN B 105 -3.74 -2.51 -15.27
N ASN B 106 -3.76 -2.00 -14.04
CA ASN B 106 -3.64 -0.58 -13.79
C ASN B 106 -2.26 -0.05 -13.96
N PHE B 107 -1.28 -0.76 -13.41
CA PHE B 107 0.15 -0.41 -13.61
C PHE B 107 0.45 -0.36 -15.11
N ARG B 108 0.07 -1.39 -15.84
CA ARG B 108 0.32 -1.46 -17.26
C ARG B 108 -0.34 -0.34 -18.04
N SER B 109 -1.53 0.06 -17.63
CA SER B 109 -2.21 1.14 -18.32
C SER B 109 -1.45 2.45 -18.20
N LEU B 110 -0.66 2.59 -17.13
CA LEU B 110 0.17 3.77 -16.90
C LEU B 110 1.56 3.79 -17.63
N LEU B 111 1.89 2.74 -18.38
CA LEU B 111 3.15 2.69 -19.05
C LEU B 111 3.00 3.35 -20.43
N PRO B 112 4.07 3.95 -20.93
CA PRO B 112 4.08 4.51 -22.27
C PRO B 112 4.07 3.42 -23.35
N ASP B 113 3.56 3.79 -24.51
CA ASP B 113 3.47 2.89 -25.66
C ASP B 113 4.79 2.74 -26.34
N VAL B 114 5.54 3.84 -26.41
CA VAL B 114 6.93 3.84 -26.85
C VAL B 114 7.77 4.64 -25.87
N SER B 115 9.06 4.36 -25.87
CA SER B 115 10.01 5.03 -24.99
C SER B 115 9.89 6.52 -25.11
N PRO B 116 9.74 7.25 -24.00
CA PRO B 116 9.61 8.71 -24.11
C PRO B 116 10.78 9.44 -24.71
N ILE B 117 11.95 8.80 -24.77
CA ILE B 117 13.12 9.43 -25.38
C ILE B 117 13.53 8.84 -26.74
N MET B 118 12.66 8.10 -27.40
CA MET B 118 12.98 7.61 -28.70
C MET B 118 12.95 8.78 -29.70
N ASN B 119 13.96 8.86 -30.56
CA ASN B 119 14.15 9.95 -31.53
C ASN B 119 14.18 11.35 -30.88
N LYS B 120 14.81 11.49 -29.73
CA LYS B 120 15.04 12.77 -29.11
C LYS B 120 16.49 13.05 -29.07
N HIS B 121 16.78 14.28 -29.37
CA HIS B 121 18.13 14.75 -29.40
C HIS B 121 18.11 16.15 -28.90
N TYR B 122 18.92 16.38 -27.88
CA TYR B 122 19.11 17.70 -27.37
C TYR B 122 20.60 18.10 -27.45
N ASN B 123 20.86 19.37 -27.64
CA ASN B 123 22.22 19.83 -27.81
C ASN B 123 22.92 19.93 -26.44
N ILE B 124 22.56 20.90 -25.63
CA ILE B 124 23.12 21.04 -24.29
C ILE B 124 22.15 20.49 -23.24
N CYS B 125 22.61 19.54 -22.44
CA CYS B 125 21.88 19.07 -21.26
C CYS B 125 22.55 19.45 -19.98
N ALA B 126 21.76 19.95 -19.02
CA ALA B 126 22.18 20.11 -17.63
C ALA B 126 21.65 18.92 -16.85
N VAL B 127 22.47 18.34 -15.99
CA VAL B 127 22.05 17.29 -15.06
C VAL B 127 22.33 17.89 -13.71
N VAL B 128 21.30 18.09 -12.89
CA VAL B 128 21.43 18.89 -11.69
C VAL B 128 21.19 18.01 -10.48
N GLY B 129 22.25 17.79 -9.70
CA GLY B 129 22.19 17.13 -8.41
C GLY B 129 21.73 18.11 -7.35
N ASN B 130 21.70 17.64 -6.11
CA ASN B 130 21.09 18.39 -5.02
C ASN B 130 22.05 18.94 -3.95
N SER B 131 23.37 18.84 -4.20
CA SER B 131 24.36 19.34 -3.25
C SER B 131 24.19 20.83 -2.92
N GLY B 132 24.54 21.19 -1.69
CA GLY B 132 24.49 22.56 -1.19
C GLY B 132 25.43 23.49 -1.91
N ILE B 133 26.41 22.94 -2.63
CA ILE B 133 27.27 23.74 -3.47
C ILE B 133 26.55 24.69 -4.41
N LEU B 134 25.29 24.43 -4.70
CA LEU B 134 24.52 25.33 -5.54
C LEU B 134 24.07 26.58 -4.82
N THR B 135 24.01 26.56 -3.48
CA THR B 135 23.42 27.68 -2.71
C THR B 135 24.34 28.85 -2.87
N GLY B 136 23.75 29.98 -3.29
CA GLY B 136 24.49 31.17 -3.67
C GLY B 136 25.27 31.16 -4.97
N SER B 137 25.11 30.11 -5.81
CA SER B 137 25.92 29.96 -7.04
C SER B 137 25.41 30.75 -8.22
N GLN B 138 24.17 31.22 -8.17
CA GLN B 138 23.55 31.91 -9.30
C GLN B 138 23.65 31.15 -10.65
N CYS B 139 23.63 29.82 -10.59
CA CYS B 139 23.69 28.99 -11.80
C CYS B 139 22.37 28.93 -12.56
N GLY B 140 21.31 29.39 -11.93
CA GLY B 140 19.98 29.46 -12.53
C GLY B 140 19.91 29.80 -13.99
N GLN B 141 20.46 30.94 -14.40
CA GLN B 141 20.40 31.34 -15.81
C GLN B 141 21.17 30.37 -16.73
N GLU B 142 22.32 29.88 -16.28
CA GLU B 142 23.13 29.01 -17.12
C GLU B 142 22.44 27.66 -17.32
N ILE B 143 21.82 27.17 -16.24
CA ILE B 143 21.08 25.93 -16.25
C ILE B 143 19.87 26.04 -17.16
N ASP B 144 19.07 27.08 -16.98
CA ASP B 144 17.91 27.29 -17.84
C ASP B 144 18.20 27.52 -19.33
N LYS B 145 19.39 28.02 -19.66
CA LYS B 145 19.84 28.11 -21.08
C LYS B 145 19.93 26.75 -21.76
N SER B 146 20.18 25.69 -21.01
CA SER B 146 20.20 24.32 -21.56
C SER B 146 18.92 23.95 -22.32
N ASP B 147 19.09 23.03 -23.25
CA ASP B 147 17.98 22.56 -24.04
C ASP B 147 17.10 21.59 -23.22
N PHE B 148 17.69 20.88 -22.26
CA PHE B 148 17.03 19.83 -21.53
C PHE B 148 17.70 19.71 -20.18
N VAL B 149 16.92 19.74 -19.10
CA VAL B 149 17.41 19.74 -17.73
C VAL B 149 16.88 18.51 -16.99
N PHE B 150 17.78 17.68 -16.47
CA PHE B 150 17.42 16.56 -15.59
C PHE B 150 17.54 17.01 -14.15
N ARG B 151 16.64 16.58 -13.27
CA ARG B 151 16.74 16.90 -11.84
C ARG B 151 16.56 15.64 -11.03
N CYS B 152 16.90 15.67 -9.75
CA CYS B 152 16.89 14.44 -8.93
C CYS B 152 15.89 14.53 -7.76
N ASN B 153 15.10 13.48 -7.62
CA ASN B 153 14.21 13.30 -6.50
C ASN B 153 13.28 14.40 -6.17
N PHE B 154 12.56 14.83 -7.18
CA PHE B 154 11.45 15.75 -7.00
C PHE B 154 11.95 16.99 -6.26
N ALA B 155 13.18 17.39 -6.57
CA ALA B 155 13.80 18.47 -5.83
C ALA B 155 13.04 19.76 -6.15
N PRO B 156 12.83 20.62 -5.14
CA PRO B 156 12.14 21.91 -5.35
C PRO B 156 12.99 22.99 -6.07
N THR B 157 12.31 23.80 -6.88
CA THR B 157 12.93 24.89 -7.62
C THR B 157 12.30 26.25 -7.37
N GLU B 158 10.99 26.34 -7.10
CA GLU B 158 10.28 27.63 -6.87
C GLU B 158 11.09 28.64 -6.03
N ALA B 159 11.50 28.23 -4.84
CA ALA B 159 12.24 29.11 -3.91
C ALA B 159 13.74 29.19 -4.18
N PHE B 160 14.27 28.43 -5.14
CA PHE B 160 15.71 28.35 -5.38
C PHE B 160 16.12 28.72 -6.83
N GLN B 161 15.21 29.35 -7.59
CA GLN B 161 15.39 29.63 -9.01
C GLN B 161 16.70 30.28 -9.36
N ARG B 162 17.12 31.28 -8.59
CA ARG B 162 18.35 32.02 -8.95
C ARG B 162 19.56 31.08 -8.97
N ASP B 163 19.59 30.12 -8.06
CA ASP B 163 20.70 29.19 -7.93
C ASP B 163 20.55 27.93 -8.77
N VAL B 164 19.36 27.32 -8.80
CA VAL B 164 19.19 26.03 -9.54
C VAL B 164 18.39 26.14 -10.83
N GLY B 165 17.64 27.22 -11.06
CA GLY B 165 16.84 27.36 -12.28
C GLY B 165 15.44 26.88 -12.00
N ARG B 166 14.54 27.12 -12.97
CA ARG B 166 13.16 26.66 -12.89
C ARG B 166 12.77 25.67 -13.99
N LYS B 167 13.58 25.55 -15.03
CA LYS B 167 13.27 24.66 -16.15
C LYS B 167 13.43 23.22 -15.78
N THR B 168 12.42 22.39 -15.99
CA THR B 168 12.53 20.94 -15.73
C THR B 168 11.93 20.10 -16.84
N ASN B 169 12.70 19.13 -17.32
CA ASN B 169 12.30 18.27 -18.43
C ASN B 169 12.23 16.82 -18.06
N LEU B 170 12.96 16.43 -17.05
CA LEU B 170 12.84 15.12 -16.48
C LEU B 170 13.19 15.32 -15.04
N THR B 171 12.45 14.66 -14.15
CA THR B 171 12.82 14.59 -12.74
C THR B 171 12.59 13.19 -12.25
N THR B 172 13.45 12.73 -11.39
CA THR B 172 13.42 11.38 -10.82
C THR B 172 12.47 11.39 -9.68
N PHE B 173 11.87 10.25 -9.36
CA PHE B 173 10.96 10.16 -8.24
C PHE B 173 11.03 8.80 -7.59
N ASN B 174 11.83 8.67 -6.54
CA ASN B 174 11.70 7.48 -5.66
C ASN B 174 10.31 7.49 -4.97
N PRO B 175 9.56 6.34 -5.02
CA PRO B 175 8.21 6.41 -4.43
C PRO B 175 8.13 6.60 -2.91
N SER B 176 9.22 6.34 -2.19
CA SER B 176 9.36 6.72 -0.77
C SER B 176 8.99 8.18 -0.47
N ILE B 177 9.21 9.08 -1.42
CA ILE B 177 8.81 10.50 -1.32
C ILE B 177 7.33 10.73 -0.96
N LEU B 178 6.41 9.85 -1.39
CA LEU B 178 5.02 9.95 -0.92
C LEU B 178 4.93 9.80 0.57
N GLU B 179 5.63 8.81 1.11
CA GLU B 179 5.61 8.54 2.52
C GLU B 179 6.23 9.75 3.28
N LYS B 180 7.42 10.16 2.88
CA LYS B 180 8.18 11.19 3.60
C LYS B 180 7.53 12.59 3.54
N TYR B 181 7.08 13.04 2.37
CA TYR B 181 6.60 14.44 2.16
C TYR B 181 5.07 14.62 1.86
N TYR B 182 4.36 13.55 1.46
CA TYR B 182 2.93 13.63 1.12
C TYR B 182 2.03 12.71 1.97
N ASN B 183 2.54 12.16 3.06
CA ASN B 183 1.71 11.42 4.00
C ASN B 183 0.91 10.33 3.31
N ASN B 184 1.57 9.60 2.43
CA ASN B 184 0.95 8.51 1.71
C ASN B 184 -0.34 8.82 0.96
N LEU B 185 -0.54 10.08 0.58
CA LEU B 185 -1.78 10.55 -0.03
C LEU B 185 -3.04 10.13 0.76
N LEU B 186 -2.93 10.17 2.08
CA LEU B 186 -4.03 9.76 2.97
C LEU B 186 -5.09 10.81 3.20
N THR B 187 -4.86 12.05 2.84
CA THR B 187 -5.84 13.10 3.08
C THR B 187 -6.08 13.89 1.84
N ILE B 188 -7.15 14.66 1.85
CA ILE B 188 -7.46 15.52 0.72
C ILE B 188 -6.35 16.55 0.54
N GLN B 189 -5.83 17.09 1.65
CA GLN B 189 -4.80 18.11 1.61
C GLN B 189 -3.53 17.59 0.91
N ASP B 190 -3.10 16.39 1.29
CA ASP B 190 -1.94 15.75 0.66
C ASP B 190 -2.18 15.37 -0.80
N ARG B 191 -3.36 14.87 -1.13
CA ARG B 191 -3.65 14.52 -2.50
C ARG B 191 -3.63 15.79 -3.36
N ASN B 192 -4.17 16.89 -2.87
CA ASN B 192 -4.13 18.16 -3.60
C ASN B 192 -2.72 18.72 -3.74
N ASN B 193 -1.91 18.61 -2.69
CA ASN B 193 -0.55 19.09 -2.75
C ASN B 193 0.27 18.36 -3.79
N PHE B 194 0.09 17.04 -3.82
CA PHE B 194 0.76 16.17 -4.80
C PHE B 194 0.27 16.48 -6.18
N PHE B 195 -1.03 16.64 -6.33
CA PHE B 195 -1.59 17.03 -7.64
C PHE B 195 -0.97 18.33 -8.14
N LEU B 196 -0.78 19.27 -7.24
CA LEU B 196 -0.32 20.56 -7.58
C LEU B 196 1.16 20.49 -7.97
N SER B 197 1.98 19.77 -7.24
CA SER B 197 3.37 19.53 -7.63
C SER B 197 3.46 18.96 -9.02
N LEU B 198 2.59 18.02 -9.35
CA LEU B 198 2.69 17.38 -10.64
C LEU B 198 2.24 18.29 -11.75
N LYS B 199 1.28 19.16 -11.47
CA LYS B 199 0.79 20.10 -12.45
C LYS B 199 1.90 21.07 -12.86
N LYS B 200 2.73 21.46 -11.90
CA LYS B 200 3.81 22.42 -12.16
C LYS B 200 4.91 21.85 -13.07
N LEU B 201 5.03 20.52 -13.15
CA LEU B 201 5.93 19.88 -14.08
C LEU B 201 5.43 19.88 -15.52
N ASP B 202 4.24 20.40 -15.79
CA ASP B 202 3.72 20.42 -17.16
C ASP B 202 3.99 19.09 -17.88
N GLY B 203 4.82 19.11 -18.94
CA GLY B 203 5.06 17.93 -19.80
C GLY B 203 6.38 17.21 -19.53
N ALA B 204 7.00 17.48 -18.39
CA ALA B 204 8.21 16.79 -17.98
C ALA B 204 7.97 15.34 -17.75
N ILE B 205 9.02 14.56 -18.05
CA ILE B 205 9.02 13.16 -17.77
C ILE B 205 9.22 13.03 -16.26
N LEU B 206 8.47 12.12 -15.65
CA LEU B 206 8.63 11.77 -14.25
C LEU B 206 9.15 10.34 -14.23
N TRP B 207 10.40 10.18 -13.82
CA TRP B 207 11.09 8.89 -13.93
C TRP B 207 11.02 8.20 -12.58
N ILE B 208 10.26 7.11 -12.50
CA ILE B 208 9.93 6.53 -11.23
C ILE B 208 10.56 5.14 -11.18
N PRO B 209 11.65 4.97 -10.44
CA PRO B 209 12.19 3.64 -10.34
C PRO B 209 11.49 2.90 -9.21
N ALA B 210 10.49 2.13 -9.59
CA ALA B 210 9.68 1.39 -8.64
C ALA B 210 10.32 0.07 -8.23
N PHE B 211 11.23 -0.47 -9.05
CA PHE B 211 11.76 -1.82 -8.82
C PHE B 211 13.21 -1.84 -8.39
N PHE B 212 13.62 -0.85 -7.59
CA PHE B 212 14.95 -0.83 -7.03
C PHE B 212 14.93 -1.43 -5.62
N PHE B 213 14.05 -0.96 -4.76
CA PHE B 213 13.96 -1.45 -3.39
C PHE B 213 12.60 -2.05 -3.09
N HIS B 214 12.58 -3.22 -2.44
CA HIS B 214 11.31 -3.88 -2.06
C HIS B 214 10.48 -2.97 -1.15
N THR B 215 11.09 -2.05 -0.41
CA THR B 215 10.33 -1.12 0.46
C THR B 215 9.51 -0.07 -0.28
N SER B 216 9.66 -0.01 -1.60
CA SER B 216 8.85 0.86 -2.46
C SER B 216 7.52 0.16 -2.87
N ALA B 217 7.28 -1.08 -2.43
CA ALA B 217 6.13 -1.85 -2.94
C ALA B 217 4.79 -1.25 -2.61
N THR B 218 4.53 -0.98 -1.35
CA THR B 218 3.18 -0.54 -0.97
C THR B 218 2.90 0.86 -1.54
N VAL B 219 3.89 1.73 -1.46
CA VAL B 219 3.78 3.09 -2.03
C VAL B 219 3.57 3.12 -3.57
N THR B 220 4.16 2.16 -4.27
CA THR B 220 3.90 2.00 -5.70
C THR B 220 2.43 1.79 -5.96
N ARG B 221 1.76 1.00 -5.13
CA ARG B 221 0.33 0.78 -5.25
C ARG B 221 -0.50 2.04 -4.97
N THR B 222 -0.10 2.87 -4.03
CA THR B 222 -0.73 4.17 -3.84
C THR B 222 -0.53 5.13 -5.02
N LEU B 223 0.71 5.24 -5.54
CA LEU B 223 0.99 6.04 -6.74
C LEU B 223 0.16 5.63 -7.92
N VAL B 224 0.18 4.33 -8.19
CA VAL B 224 -0.53 3.77 -9.32
C VAL B 224 -1.96 4.14 -9.21
N ASP B 225 -2.57 3.87 -8.06
CA ASP B 225 -3.97 4.24 -7.85
C ASP B 225 -4.26 5.73 -8.01
N PHE B 226 -3.39 6.58 -7.47
CA PHE B 226 -3.52 8.01 -7.67
C PHE B 226 -3.46 8.38 -9.14
N PHE B 227 -2.51 7.85 -9.92
CA PHE B 227 -2.41 8.19 -11.34
C PHE B 227 -3.56 7.67 -12.17
N VAL B 228 -4.12 6.53 -11.85
CA VAL B 228 -5.30 6.02 -12.59
C VAL B 228 -6.52 6.90 -12.39
N GLU B 229 -6.76 7.23 -11.14
CA GLU B 229 -7.86 8.12 -10.78
C GLU B 229 -7.78 9.48 -11.48
N HIS B 230 -6.57 10.04 -11.59
CA HIS B 230 -6.40 11.34 -12.21
C HIS B 230 -5.96 11.23 -13.66
N ARG B 231 -6.20 10.08 -14.31
CA ARG B 231 -5.88 9.89 -15.74
C ARG B 231 -6.52 10.96 -16.62
N GLY B 232 -5.73 11.53 -17.54
CA GLY B 232 -6.24 12.58 -18.44
C GLY B 232 -6.15 14.02 -17.94
N GLN B 233 -5.97 14.20 -16.64
CA GLN B 233 -5.88 15.51 -16.01
C GLN B 233 -4.48 16.11 -15.87
N LEU B 234 -3.45 15.41 -16.32
CA LEU B 234 -2.09 15.90 -16.13
C LEU B 234 -1.36 15.67 -17.41
N LYS B 235 -0.48 16.60 -17.77
CA LYS B 235 0.30 16.45 -18.99
C LYS B 235 1.64 15.78 -18.71
N VAL B 236 1.94 15.47 -17.44
CA VAL B 236 3.21 14.82 -17.04
C VAL B 236 3.36 13.44 -17.68
N GLN B 237 4.56 13.15 -18.17
CA GLN B 237 4.85 11.93 -18.92
C GLN B 237 5.50 10.94 -17.97
N LEU B 238 4.82 9.85 -17.63
CA LEU B 238 5.38 8.90 -16.68
C LEU B 238 6.33 7.97 -17.38
N ALA B 239 7.41 7.64 -16.69
CA ALA B 239 8.32 6.62 -17.18
C ALA B 239 8.71 5.72 -16.03
N TRP B 240 8.76 4.43 -16.27
CA TRP B 240 8.94 3.45 -15.20
C TRP B 240 10.02 2.49 -15.63
N PRO B 241 11.26 2.73 -15.23
CA PRO B 241 12.31 1.76 -15.54
C PRO B 241 12.11 0.45 -14.81
N GLY B 242 12.37 -0.65 -15.50
CA GLY B 242 12.35 -1.95 -14.89
C GLY B 242 13.67 -2.28 -14.23
N ASN B 243 14.07 -3.55 -14.41
CA ASN B 243 15.28 -4.11 -13.78
C ASN B 243 16.50 -3.78 -14.65
N ILE B 244 17.08 -2.60 -14.42
CA ILE B 244 18.14 -2.11 -15.30
C ILE B 244 19.53 -1.95 -14.70
N MET B 245 19.66 -1.99 -13.37
CA MET B 245 20.93 -1.66 -12.74
C MET B 245 22.03 -2.69 -12.95
N GLN B 246 21.72 -3.97 -13.14
CA GLN B 246 22.76 -4.95 -13.55
C GLN B 246 23.47 -4.47 -14.82
N HIS B 247 22.71 -4.02 -15.82
CA HIS B 247 23.26 -3.67 -17.13
C HIS B 247 24.02 -2.35 -17.04
N VAL B 248 23.45 -1.40 -16.34
CA VAL B 248 24.10 -0.11 -16.11
C VAL B 248 25.39 -0.30 -15.31
N ASN B 249 25.35 -1.12 -14.25
CA ASN B 249 26.54 -1.36 -13.42
C ASN B 249 27.69 -2.03 -14.15
N ARG B 250 27.39 -2.82 -15.19
CA ARG B 250 28.44 -3.46 -16.02
C ARG B 250 29.29 -2.43 -16.74
N TYR B 251 28.69 -1.47 -17.45
CA TYR B 251 29.47 -0.42 -18.08
C TYR B 251 30.39 0.28 -17.07
N TRP B 252 29.86 0.74 -15.96
CA TRP B 252 30.65 1.50 -15.01
C TRP B 252 31.60 0.65 -14.16
N LYS B 253 31.46 -0.68 -14.18
CA LYS B 253 32.37 -1.55 -13.46
C LYS B 253 33.79 -1.43 -14.03
N ASN B 254 33.89 -1.53 -15.36
CA ASN B 254 35.16 -1.42 -16.09
C ASN B 254 35.85 -0.06 -15.98
N LYS B 255 35.16 0.95 -15.44
CA LYS B 255 35.75 2.27 -15.13
C LYS B 255 36.10 2.39 -13.64
N HIS B 256 36.34 1.25 -12.98
CA HIS B 256 36.69 1.13 -11.55
C HIS B 256 35.84 1.89 -10.51
N LEU B 257 34.55 2.08 -10.81
CA LEU B 257 33.57 2.50 -9.81
C LEU B 257 32.74 1.27 -9.42
N SER B 258 32.85 0.87 -8.16
CA SER B 258 32.36 -0.43 -7.69
C SER B 258 30.97 -0.51 -7.02
N PRO B 259 30.55 0.53 -6.25
CA PRO B 259 29.74 0.45 -5.01
C PRO B 259 28.49 -0.43 -4.93
N LYS B 260 28.07 -0.65 -3.68
CA LYS B 260 26.80 -1.31 -3.30
C LYS B 260 25.59 -0.87 -4.17
N ARG B 261 25.43 0.45 -4.30
CA ARG B 261 24.28 1.15 -4.90
C ARG B 261 24.86 2.26 -5.75
N LEU B 262 24.64 2.17 -7.05
CA LEU B 262 25.11 3.23 -7.96
C LEU B 262 24.23 4.46 -7.80
N SER B 263 24.83 5.65 -7.83
CA SER B 263 24.06 6.85 -7.52
C SER B 263 23.14 7.23 -8.66
N THR B 264 22.07 7.92 -8.29
CA THR B 264 21.14 8.56 -9.23
C THR B 264 21.85 9.51 -10.23
N GLY B 265 22.92 10.19 -9.79
CA GLY B 265 23.71 11.03 -10.68
C GLY B 265 24.41 10.30 -11.81
N ILE B 266 25.09 9.21 -11.50
CA ILE B 266 25.74 8.44 -12.55
C ILE B 266 24.69 7.82 -13.49
N LEU B 267 23.57 7.43 -12.91
CA LEU B 267 22.48 6.87 -13.69
C LEU B 267 21.92 7.92 -14.64
N MET B 268 21.77 9.14 -14.14
CA MET B 268 21.35 10.27 -14.94
C MET B 268 22.32 10.57 -16.07
N TYR B 269 23.63 10.54 -15.78
CA TYR B 269 24.64 10.80 -16.80
C TYR B 269 24.52 9.75 -17.85
N THR B 270 24.24 8.53 -17.45
CA THR B 270 24.12 7.43 -18.40
C THR B 270 22.95 7.64 -19.38
N LEU B 271 21.78 8.00 -18.87
CA LEU B 271 20.64 8.30 -19.74
C LEU B 271 20.96 9.50 -20.64
N ALA B 272 21.37 10.60 -20.01
CA ALA B 272 21.72 11.81 -20.70
C ALA B 272 22.65 11.53 -21.84
N SER B 273 23.63 10.67 -21.63
CA SER B 273 24.60 10.33 -22.68
C SER B 273 23.93 9.85 -23.98
N ALA B 274 22.82 9.14 -23.88
CA ALA B 274 22.16 8.64 -25.07
C ALA B 274 21.53 9.77 -25.88
N ILE B 275 21.10 10.86 -25.25
CA ILE B 275 20.31 11.88 -25.95
C ILE B 275 20.85 13.31 -25.95
N CYS B 276 21.98 13.53 -25.33
CA CYS B 276 22.53 14.88 -25.28
C CYS B 276 23.83 14.89 -26.03
N GLU B 277 24.09 15.96 -26.75
CA GLU B 277 25.34 16.10 -27.46
C GLU B 277 26.42 16.51 -26.52
N GLU B 278 26.08 17.17 -25.42
CA GLU B 278 27.02 17.74 -24.49
C GLU B 278 26.35 17.93 -23.12
N ILE B 279 26.94 17.28 -22.10
CA ILE B 279 26.38 17.25 -20.76
C ILE B 279 27.18 18.13 -19.80
N HIS B 280 26.52 19.09 -19.14
CA HIS B 280 27.08 19.86 -18.03
C HIS B 280 26.43 19.47 -16.71
N LEU B 281 27.24 19.09 -15.72
CA LEU B 281 26.79 18.71 -14.38
C LEU B 281 26.86 19.88 -13.40
N TYR B 282 25.82 20.00 -12.60
CA TYR B 282 25.74 21.00 -11.55
C TYR B 282 25.28 20.28 -10.28
N GLY B 283 25.56 20.85 -9.12
CA GLY B 283 25.20 20.21 -7.85
C GLY B 283 25.74 18.83 -7.49
N PHE B 284 26.91 18.48 -8.01
CA PHE B 284 27.56 17.22 -7.60
C PHE B 284 28.81 17.61 -6.87
N TRP B 285 28.82 17.31 -5.57
CA TRP B 285 29.86 17.72 -4.63
C TRP B 285 29.50 17.11 -3.27
N PRO B 286 30.07 15.96 -2.95
CA PRO B 286 29.63 15.20 -1.75
C PRO B 286 29.97 15.80 -0.36
N PHE B 287 30.97 16.66 -0.26
CA PHE B 287 31.52 17.11 1.02
C PHE B 287 30.83 18.36 1.53
N GLY B 288 30.85 18.54 2.85
CA GLY B 288 30.12 19.62 3.54
C GLY B 288 30.84 20.96 3.67
N PHE B 289 31.90 21.18 2.88
CA PHE B 289 32.57 22.48 2.82
C PHE B 289 32.72 22.92 1.37
N ASP B 290 32.78 24.23 1.16
CA ASP B 290 32.95 24.80 -0.18
C ASP B 290 34.36 24.56 -0.72
N PRO B 291 34.53 24.23 -2.00
CA PRO B 291 35.92 24.07 -2.48
C PRO B 291 36.74 25.36 -2.71
N ASN B 292 36.11 26.54 -2.70
CA ASN B 292 36.83 27.81 -2.91
C ASN B 292 37.00 28.67 -1.63
N THR B 293 35.96 28.70 -0.82
CA THR B 293 35.93 29.42 0.45
C THR B 293 36.36 28.55 1.64
N ARG B 294 36.06 27.27 1.55
CA ARG B 294 36.13 26.32 2.67
C ARG B 294 35.17 26.56 3.81
N GLU B 295 34.19 27.46 3.63
CA GLU B 295 33.12 27.66 4.63
C GLU B 295 32.10 26.50 4.51
N ASP B 296 31.33 26.26 5.57
CA ASP B 296 30.42 25.12 5.62
C ASP B 296 29.32 25.19 4.57
N LEU B 297 28.81 24.01 4.18
CA LEU B 297 27.74 23.87 3.20
C LEU B 297 26.62 23.02 3.79
N PRO B 298 25.34 23.38 3.51
CA PRO B 298 24.29 22.40 3.78
C PRO B 298 24.46 21.19 2.86
N TYR B 299 24.16 19.99 3.34
CA TYR B 299 24.37 18.75 2.57
C TYR B 299 23.59 18.82 1.24
N HIS B 300 22.36 19.37 1.32
CA HIS B 300 21.46 19.61 0.18
C HIS B 300 21.14 21.11 0.01
N TYR B 301 20.97 21.59 -1.22
CA TYR B 301 20.69 23.02 -1.39
C TYR B 301 19.39 23.55 -0.79
N TYR B 302 18.47 22.67 -0.36
CA TYR B 302 17.08 23.09 0.03
C TYR B 302 16.77 22.87 1.50
N ASP B 303 17.80 22.54 2.30
CA ASP B 303 17.63 22.19 3.72
C ASP B 303 17.21 23.38 4.61
N LEU B 319 28.08 10.10 -2.63
CA LEU B 319 29.22 9.19 -2.41
C LEU B 319 30.53 9.74 -3.03
N PRO B 320 31.66 9.69 -2.27
CA PRO B 320 32.98 10.16 -2.79
C PRO B 320 33.60 9.38 -3.96
N ALA B 321 33.20 8.12 -4.15
CA ALA B 321 33.71 7.33 -5.27
C ALA B 321 33.20 7.89 -6.60
N GLU B 322 31.89 8.11 -6.66
CA GLU B 322 31.19 8.69 -7.83
C GLU B 322 31.82 10.01 -8.30
N PHE B 323 31.98 10.95 -7.38
CA PHE B 323 32.52 12.28 -7.68
C PHE B 323 33.93 12.27 -8.23
N GLN B 324 34.80 11.45 -7.64
CA GLN B 324 36.14 11.26 -8.19
C GLN B 324 36.05 10.95 -9.70
N LEU B 325 35.11 10.07 -10.06
CA LEU B 325 34.92 9.65 -11.44
C LEU B 325 34.48 10.78 -12.35
N LEU B 326 33.52 11.56 -11.89
CA LEU B 326 33.01 12.70 -12.67
C LEU B 326 34.09 13.73 -12.86
N TYR B 327 34.95 13.91 -11.85
CA TYR B 327 36.05 14.88 -11.92
C TYR B 327 37.11 14.42 -12.91
N ARG B 328 37.32 13.11 -12.98
CA ARG B 328 38.23 12.54 -13.97
C ARG B 328 37.69 12.86 -15.36
N MET B 329 36.39 12.65 -15.54
CA MET B 329 35.74 12.88 -16.83
C MET B 329 35.75 14.34 -17.22
N HIS B 330 35.64 15.21 -16.23
CA HIS B 330 35.77 16.65 -16.46
C HIS B 330 37.15 16.99 -17.01
N GLY B 331 38.16 16.39 -16.38
CA GLY B 331 39.57 16.47 -16.80
C GLY B 331 39.79 16.07 -18.24
N GLU B 332 39.17 14.96 -18.65
CA GLU B 332 39.28 14.46 -20.04
C GLU B 332 38.35 15.17 -21.08
N GLY B 333 37.72 16.29 -20.71
CA GLY B 333 36.75 17.01 -21.59
C GLY B 333 35.46 16.31 -22.03
N LEU B 334 35.03 15.29 -21.30
CA LEU B 334 33.80 14.55 -21.63
C LEU B 334 32.56 15.28 -21.15
N THR B 335 32.70 15.95 -20.02
CA THR B 335 31.59 16.65 -19.44
C THR B 335 32.16 17.81 -18.66
N LYS B 336 31.37 18.84 -18.41
CA LYS B 336 31.74 19.96 -17.57
C LYS B 336 31.09 19.91 -16.16
N LEU B 337 31.82 19.39 -15.21
CA LEU B 337 31.52 19.56 -13.79
C LEU B 337 31.75 20.98 -13.29
N THR B 338 30.72 21.60 -12.75
CA THR B 338 30.77 23.00 -12.30
C THR B 338 30.77 23.03 -10.79
N LEU B 339 31.79 23.65 -10.19
CA LEU B 339 31.99 23.65 -8.72
C LEU B 339 32.15 25.05 -8.18
N SER B 340 31.68 26.04 -8.91
CA SER B 340 31.95 27.43 -8.55
C SER B 340 30.84 28.28 -9.05
N HIS B 341 30.83 29.51 -8.61
CA HIS B 341 29.77 30.43 -8.90
C HIS B 341 29.76 30.65 -10.40
N CYS B 342 28.59 30.90 -10.94
CA CYS B 342 28.35 30.96 -12.37
C CYS B 342 28.41 32.43 -12.80
N ALA B 343 27.66 33.29 -12.12
CA ALA B 343 27.55 34.72 -12.49
C ALA B 343 27.49 35.62 -11.26
#